data_2P33
#
_entry.id   2P33
#
_cell.length_a   51.820
_cell.length_b   71.520
_cell.length_c   107.360
_cell.angle_alpha   90.00
_cell.angle_beta   90.00
_cell.angle_gamma   90.00
#
_symmetry.space_group_name_H-M   'P 21 21 21'
#
loop_
_entity.id
_entity.type
_entity.pdbx_description
1 polymer 'c-Jun N-terminal kinase 3'
2 non-polymer 4-{[5-chloro-4-(1H-indol-3-yl)pyrimidin-2-yl]amino}-N-ethylpiperidine-1-carboxamide
3 water water
#
_entity_poly.entity_id   1
_entity_poly.type   'polypeptide(L)'
_entity_poly.pdbx_seq_one_letter_code
;MGSKSKVDNQFYSVEVGDSTFTVLKRYQNLKPIGSGAQGIVCAAYDAVLDRNVAIKKLSRPFQNQTHAKRAYRELVLMKC
VNHKNIISLLNVFTPQKTLEEFQDVYLVMELMDANLCQVIQMELDHERMSYLLYQMLCGIKHLHSAGIIHRDLKPSNIVV
KSDCTLKILDFGLARTAGTSFMMTPYVVTRYYRAPEVILGMGYKENVDIWSVGCIMGEMVRHKILFPGRDYIDQWNKVIE
QLGTPCPEFMKKLQPTVRNYVENRPKYAGLTFPKLFPDSLFPADSEHNKLKASQARDLLSKMLVIDPAKRISVDDALQHP
YINVWYDPAEVEAPPPQIYDKQLDEREHTIEEWKELIYKEVMNSE
;
_entity_poly.pdbx_strand_id   A
#
loop_
_chem_comp.id
_chem_comp.type
_chem_comp.name
_chem_comp.formula
J07 non-polymer 4-{[5-chloro-4-(1H-indol-3-yl)pyrimidin-2-yl]amino}-N-ethylpiperidine-1-carboxamide 'C20 H23 Cl N6 O'
#
# COMPACT_ATOMS: atom_id res chain seq x y z
N ASP A 8 -11.15 -14.28 -36.40
CA ASP A 8 -10.27 -13.16 -36.86
C ASP A 8 -9.33 -12.65 -35.76
N ASN A 9 -9.41 -11.36 -35.46
CA ASN A 9 -8.56 -10.75 -34.44
C ASN A 9 -8.76 -11.46 -33.12
N GLN A 10 -7.89 -11.20 -32.15
CA GLN A 10 -7.99 -11.83 -30.84
C GLN A 10 -8.55 -10.87 -29.80
N PHE A 11 -8.60 -9.58 -30.14
CA PHE A 11 -9.09 -8.58 -29.20
C PHE A 11 -10.36 -7.89 -29.67
N TYR A 12 -11.05 -7.23 -28.75
CA TYR A 12 -12.25 -6.47 -29.06
C TYR A 12 -12.22 -5.26 -28.16
N SER A 13 -12.89 -4.19 -28.58
CA SER A 13 -12.92 -2.97 -27.80
C SER A 13 -14.25 -2.68 -27.15
N VAL A 14 -14.19 -2.16 -25.93
CA VAL A 14 -15.38 -1.82 -25.17
C VAL A 14 -15.16 -0.50 -24.46
N GLU A 15 -16.17 0.36 -24.49
CA GLU A 15 -16.05 1.65 -23.83
C GLU A 15 -16.27 1.51 -22.32
N VAL A 16 -15.42 2.19 -21.55
CA VAL A 16 -15.50 2.15 -20.08
C VAL A 16 -15.29 3.55 -19.51
N GLY A 17 -16.17 4.46 -19.88
CA GLY A 17 -16.08 5.82 -19.39
C GLY A 17 -15.48 6.80 -20.38
N ASP A 18 -14.24 7.20 -20.11
CA ASP A 18 -13.54 8.14 -20.98
C ASP A 18 -12.37 7.44 -21.65
N SER A 19 -12.34 6.11 -21.57
CA SER A 19 -11.27 5.32 -22.17
C SER A 19 -11.79 4.08 -22.86
N THR A 20 -10.94 3.45 -23.66
CA THR A 20 -11.34 2.26 -24.38
C THR A 20 -10.49 1.08 -23.93
N PHE A 21 -11.14 -0.01 -23.54
CA PHE A 21 -10.46 -1.22 -23.11
C PHE A 21 -10.42 -2.24 -24.23
N THR A 22 -9.30 -2.30 -24.95
CA THR A 22 -9.20 -3.27 -26.03
C THR A 22 -8.53 -4.49 -25.44
N VAL A 23 -9.33 -5.47 -25.05
CA VAL A 23 -8.80 -6.67 -24.43
C VAL A 23 -9.05 -7.95 -25.23
N LEU A 24 -8.45 -9.05 -24.77
CA LEU A 24 -8.60 -10.37 -25.41
C LEU A 24 -10.03 -10.85 -25.25
N LYS A 25 -10.51 -11.56 -26.28
CA LYS A 25 -11.87 -12.07 -26.29
C LYS A 25 -12.23 -12.94 -25.08
N ARG A 26 -11.22 -13.57 -24.48
CA ARG A 26 -11.44 -14.43 -23.31
C ARG A 26 -12.02 -13.67 -22.11
N TYR A 27 -11.83 -12.35 -22.11
CA TYR A 27 -12.34 -11.52 -21.00
C TYR A 27 -13.64 -10.86 -21.47
N GLN A 28 -14.72 -11.13 -20.75
CA GLN A 28 -16.02 -10.58 -21.13
C GLN A 28 -16.75 -9.94 -19.98
N ASN A 29 -17.70 -9.09 -20.33
CA ASN A 29 -18.51 -8.37 -19.37
C ASN A 29 -17.66 -7.44 -18.50
N LEU A 30 -16.93 -6.54 -19.15
CA LEU A 30 -16.08 -5.59 -18.44
C LEU A 30 -16.90 -4.66 -17.57
N LYS A 31 -16.38 -4.37 -16.39
CA LYS A 31 -17.07 -3.48 -15.45
C LYS A 31 -16.04 -2.77 -14.56
N PRO A 32 -16.06 -1.43 -14.56
CA PRO A 32 -15.16 -0.59 -13.76
C PRO A 32 -15.30 -0.84 -12.26
N ILE A 33 -14.20 -1.18 -11.61
CA ILE A 33 -14.22 -1.45 -10.17
C ILE A 33 -13.48 -0.38 -9.39
N GLY A 34 -12.60 0.35 -10.07
CA GLY A 34 -11.83 1.40 -9.39
C GLY A 34 -10.97 2.25 -10.31
N SER A 35 -10.40 3.29 -9.72
CA SER A 35 -9.54 4.23 -10.44
C SER A 35 -8.33 4.53 -9.58
N GLY A 36 -7.18 4.74 -10.22
CA GLY A 36 -5.97 5.03 -9.48
C GLY A 36 -5.07 6.00 -10.22
N ALA A 37 -3.78 5.93 -9.92
CA ALA A 37 -2.78 6.78 -10.56
C ALA A 37 -2.36 6.25 -11.93
N GLN A 38 -2.13 4.94 -12.02
CA GLN A 38 -1.72 4.27 -13.25
C GLN A 38 -2.82 4.29 -14.31
N GLY A 39 -4.07 4.12 -13.88
CA GLY A 39 -5.16 4.13 -14.84
C GLY A 39 -6.51 3.66 -14.31
N ILE A 40 -7.25 3.01 -15.19
CA ILE A 40 -8.57 2.50 -14.84
C ILE A 40 -8.50 1.00 -14.62
N VAL A 41 -9.30 0.50 -13.70
CA VAL A 41 -9.30 -0.92 -13.42
C VAL A 41 -10.72 -1.48 -13.63
N CYS A 42 -10.82 -2.65 -14.27
CA CYS A 42 -12.13 -3.25 -14.52
C CYS A 42 -12.18 -4.68 -13.99
N ALA A 43 -13.39 -5.14 -13.74
CA ALA A 43 -13.60 -6.50 -13.32
C ALA A 43 -14.10 -7.16 -14.60
N ALA A 44 -13.78 -8.44 -14.79
CA ALA A 44 -14.24 -9.19 -15.96
C ALA A 44 -14.29 -10.69 -15.66
N TYR A 45 -14.94 -11.40 -16.55
CA TYR A 45 -15.04 -12.85 -16.52
C TYR A 45 -14.11 -13.50 -17.54
N ASP A 46 -13.32 -14.43 -17.12
CA ASP A 46 -12.37 -15.08 -18.01
C ASP A 46 -12.91 -16.45 -18.42
N ALA A 47 -13.43 -16.52 -19.63
CA ALA A 47 -13.99 -17.77 -20.17
C ALA A 47 -13.01 -18.95 -20.14
N VAL A 48 -11.72 -18.67 -20.34
CA VAL A 48 -10.72 -19.72 -20.35
C VAL A 48 -10.57 -20.38 -18.99
N LEU A 49 -10.19 -19.58 -17.99
CA LEU A 49 -10.02 -20.05 -16.62
C LEU A 49 -11.34 -20.21 -15.89
N ASP A 50 -12.41 -19.67 -16.46
CA ASP A 50 -13.74 -19.76 -15.84
C ASP A 50 -13.65 -19.24 -14.40
N ARG A 51 -13.48 -17.93 -14.31
CA ARG A 51 -13.38 -17.26 -13.01
C ARG A 51 -13.34 -15.77 -13.29
N ASN A 52 -13.54 -14.98 -12.24
CA ASN A 52 -13.50 -13.54 -12.40
C ASN A 52 -12.10 -13.03 -12.19
N VAL A 53 -11.75 -11.97 -12.93
CA VAL A 53 -10.43 -11.38 -12.82
C VAL A 53 -10.53 -9.87 -12.89
N ALA A 54 -9.41 -9.22 -12.58
CA ALA A 54 -9.32 -7.77 -12.61
C ALA A 54 -8.37 -7.37 -13.74
N ILE A 55 -8.75 -6.37 -14.54
CA ILE A 55 -7.88 -5.90 -15.63
C ILE A 55 -7.52 -4.44 -15.47
N LYS A 56 -6.23 -4.18 -15.34
CA LYS A 56 -5.72 -2.83 -15.18
C LYS A 56 -5.03 -2.43 -16.49
N LYS A 57 -5.40 -1.26 -17.01
CA LYS A 57 -4.86 -0.72 -18.26
C LYS A 57 -3.84 0.41 -18.05
N LEU A 58 -2.64 0.21 -18.57
CA LEU A 58 -1.58 1.20 -18.50
C LEU A 58 -1.56 1.96 -19.84
N SER A 59 -1.98 3.21 -19.81
CA SER A 59 -2.03 4.05 -21.01
C SER A 59 -0.68 4.69 -21.30
N ARG A 60 -0.01 4.26 -22.38
CA ARG A 60 1.30 4.80 -22.72
C ARG A 60 2.13 5.01 -21.46
N PRO A 61 2.48 3.92 -20.76
CA PRO A 61 3.28 4.00 -19.54
C PRO A 61 4.64 4.62 -19.76
N PHE A 62 5.07 4.70 -21.01
CA PHE A 62 6.38 5.26 -21.28
C PHE A 62 6.33 6.75 -21.54
N GLN A 63 5.18 7.37 -21.32
CA GLN A 63 5.06 8.80 -21.56
C GLN A 63 5.98 9.65 -20.69
N ASN A 64 6.45 9.11 -19.57
CA ASN A 64 7.40 9.82 -18.73
C ASN A 64 8.08 8.86 -17.77
N GLN A 65 9.23 9.26 -17.25
CA GLN A 65 9.97 8.39 -16.36
C GLN A 65 9.21 7.98 -15.09
N THR A 66 8.32 8.84 -14.61
CA THR A 66 7.55 8.53 -13.42
C THR A 66 6.65 7.34 -13.67
N HIS A 67 5.85 7.40 -14.74
CA HIS A 67 4.95 6.30 -15.06
C HIS A 67 5.70 5.09 -15.58
N ALA A 68 6.79 5.34 -16.28
CA ALA A 68 7.55 4.24 -16.86
C ALA A 68 8.23 3.40 -15.79
N LYS A 69 8.94 4.09 -14.90
CA LYS A 69 9.67 3.43 -13.82
C LYS A 69 8.72 2.54 -13.00
N ARG A 70 7.54 3.07 -12.70
CA ARG A 70 6.53 2.33 -11.94
C ARG A 70 6.03 1.11 -12.76
N ALA A 71 5.77 1.32 -14.05
CA ALA A 71 5.29 0.23 -14.90
C ALA A 71 6.28 -0.90 -15.08
N TYR A 72 7.53 -0.56 -15.36
CA TYR A 72 8.55 -1.58 -15.55
C TYR A 72 8.74 -2.34 -14.24
N ARG A 73 8.95 -1.59 -13.17
CA ARG A 73 9.15 -2.15 -11.85
C ARG A 73 7.96 -3.03 -11.47
N GLU A 74 6.77 -2.59 -11.83
CA GLU A 74 5.60 -3.37 -11.51
C GLU A 74 5.54 -4.65 -12.32
N LEU A 75 5.73 -4.50 -13.62
CA LEU A 75 5.70 -5.63 -14.54
C LEU A 75 6.75 -6.69 -14.21
N VAL A 76 7.93 -6.26 -13.77
CA VAL A 76 8.99 -7.20 -13.42
C VAL A 76 8.69 -7.95 -12.12
N LEU A 77 8.59 -7.24 -11.00
CA LEU A 77 8.32 -7.89 -9.72
C LEU A 77 7.04 -8.72 -9.73
N MET A 78 6.01 -8.22 -10.39
CA MET A 78 4.74 -8.94 -10.47
C MET A 78 4.99 -10.32 -11.04
N LYS A 79 5.99 -10.43 -11.89
CA LYS A 79 6.33 -11.70 -12.51
C LYS A 79 7.26 -12.53 -11.63
N CYS A 80 8.19 -11.87 -10.94
CA CYS A 80 9.12 -12.58 -10.06
C CYS A 80 8.51 -12.99 -8.73
N VAL A 81 8.35 -12.02 -7.82
CA VAL A 81 7.79 -12.28 -6.50
C VAL A 81 6.52 -13.14 -6.56
N ASN A 82 6.35 -13.97 -5.54
CA ASN A 82 5.20 -14.87 -5.46
C ASN A 82 4.91 -15.14 -3.98
N HIS A 83 3.69 -14.82 -3.54
CA HIS A 83 3.29 -14.99 -2.13
C HIS A 83 1.78 -14.90 -2.03
N LYS A 84 1.17 -15.66 -1.12
CA LYS A 84 -0.29 -15.62 -1.01
C LYS A 84 -0.83 -14.24 -0.59
N ASN A 85 0.03 -13.39 -0.06
CA ASN A 85 -0.39 -12.08 0.41
C ASN A 85 0.07 -10.93 -0.51
N ILE A 86 0.39 -11.26 -1.76
CA ILE A 86 0.79 -10.26 -2.75
C ILE A 86 0.04 -10.62 -4.01
N ILE A 87 -0.82 -9.71 -4.47
CA ILE A 87 -1.62 -9.92 -5.66
C ILE A 87 -0.81 -10.64 -6.74
N SER A 88 -1.40 -11.67 -7.32
CA SER A 88 -0.70 -12.43 -8.33
C SER A 88 -1.18 -12.05 -9.72
N LEU A 89 -0.22 -11.96 -10.63
CA LEU A 89 -0.46 -11.63 -12.03
C LEU A 89 -0.89 -12.89 -12.76
N LEU A 90 -2.03 -12.84 -13.45
CA LEU A 90 -2.48 -14.01 -14.19
C LEU A 90 -2.12 -13.97 -15.65
N ASN A 91 -1.96 -12.76 -16.18
CA ASN A 91 -1.66 -12.64 -17.60
C ASN A 91 -1.33 -11.19 -17.92
N VAL A 92 -0.59 -10.98 -19.01
CA VAL A 92 -0.19 -9.64 -19.43
C VAL A 92 -0.33 -9.59 -20.94
N PHE A 93 -0.82 -8.47 -21.48
CA PHE A 93 -0.92 -8.39 -22.94
C PHE A 93 -1.02 -6.98 -23.48
N THR A 94 -0.89 -6.87 -24.79
CA THR A 94 -1.02 -5.59 -25.49
C THR A 94 -1.69 -5.84 -26.82
N PRO A 95 -2.79 -5.14 -27.08
CA PRO A 95 -3.51 -5.31 -28.34
C PRO A 95 -2.70 -4.85 -29.55
N GLN A 96 -1.60 -4.13 -29.34
CA GLN A 96 -0.77 -3.67 -30.45
C GLN A 96 0.13 -4.81 -30.93
N LYS A 97 0.47 -4.79 -32.21
CA LYS A 97 1.28 -5.88 -32.79
C LYS A 97 2.79 -5.67 -32.83
N THR A 98 3.23 -4.42 -32.91
CA THR A 98 4.66 -4.11 -33.00
C THR A 98 5.08 -3.06 -32.01
N LEU A 99 6.39 -2.90 -31.87
CA LEU A 99 6.94 -1.91 -30.97
C LEU A 99 6.56 -0.52 -31.42
N GLU A 100 6.56 -0.29 -32.73
CA GLU A 100 6.23 1.04 -33.22
C GLU A 100 4.77 1.36 -32.89
N GLU A 101 3.91 0.35 -33.03
CA GLU A 101 2.51 0.52 -32.75
C GLU A 101 2.20 0.48 -31.25
N PHE A 102 3.12 -0.11 -30.50
CA PHE A 102 2.96 -0.25 -29.05
C PHE A 102 2.37 0.99 -28.37
N GLN A 103 1.35 0.78 -27.53
CA GLN A 103 0.70 1.88 -26.84
C GLN A 103 0.33 1.56 -25.39
N ASP A 104 -0.53 0.57 -25.20
CA ASP A 104 -0.97 0.25 -23.86
C ASP A 104 -0.58 -1.15 -23.41
N VAL A 105 -0.59 -1.35 -22.10
CA VAL A 105 -0.26 -2.61 -21.49
C VAL A 105 -1.37 -2.99 -20.54
N TYR A 106 -1.97 -4.17 -20.71
CA TYR A 106 -3.06 -4.60 -19.82
C TYR A 106 -2.58 -5.68 -18.83
N LEU A 107 -2.86 -5.46 -17.55
CA LEU A 107 -2.47 -6.44 -16.53
C LEU A 107 -3.73 -7.13 -15.98
N VAL A 108 -3.73 -8.46 -16.01
CA VAL A 108 -4.84 -9.26 -15.53
C VAL A 108 -4.42 -9.95 -14.23
N MET A 109 -5.26 -9.85 -13.21
CA MET A 109 -4.94 -10.46 -11.92
C MET A 109 -6.18 -11.02 -11.26
N GLU A 110 -5.97 -11.80 -10.21
CA GLU A 110 -7.10 -12.36 -9.49
C GLU A 110 -7.93 -11.15 -9.04
N LEU A 111 -9.24 -11.34 -8.96
CA LEU A 111 -10.14 -10.28 -8.57
C LEU A 111 -10.42 -10.30 -7.07
N MET A 112 -10.23 -9.16 -6.43
CA MET A 112 -10.49 -9.09 -5.02
C MET A 112 -11.85 -8.36 -4.83
N ASP A 113 -12.43 -8.48 -3.66
CA ASP A 113 -13.73 -7.86 -3.41
C ASP A 113 -13.67 -6.41 -3.04
N ALA A 114 -12.59 -5.99 -2.39
CA ALA A 114 -12.48 -4.59 -1.97
C ALA A 114 -11.16 -4.23 -1.31
N ASN A 115 -10.89 -2.93 -1.15
CA ASN A 115 -9.64 -2.53 -0.49
C ASN A 115 -9.91 -2.18 0.96
N LEU A 116 -8.84 -1.92 1.70
CA LEU A 116 -8.97 -1.59 3.11
C LEU A 116 -9.82 -0.37 3.43
N CYS A 117 -9.87 0.61 2.54
CA CYS A 117 -10.67 1.82 2.77
C CYS A 117 -12.09 1.47 3.15
N GLN A 118 -12.57 0.35 2.63
CA GLN A 118 -13.92 -0.12 2.91
C GLN A 118 -14.00 -0.79 4.26
N VAL A 119 -13.04 -1.64 4.55
CA VAL A 119 -13.01 -2.34 5.83
C VAL A 119 -12.91 -1.34 6.96
N ILE A 120 -12.06 -0.32 6.79
CA ILE A 120 -11.86 0.72 7.79
C ILE A 120 -13.16 1.36 8.27
N GLN A 121 -14.09 1.57 7.34
CA GLN A 121 -15.35 2.19 7.68
C GLN A 121 -16.31 1.26 8.42
N MET A 122 -15.80 0.19 9.00
CA MET A 122 -16.68 -0.73 9.73
C MET A 122 -15.96 -1.32 10.94
N GLU A 123 -16.72 -1.81 11.90
CA GLU A 123 -16.14 -2.39 13.09
C GLU A 123 -15.76 -3.83 12.80
N LEU A 124 -14.59 -4.25 13.27
CA LEU A 124 -14.16 -5.63 13.04
C LEU A 124 -13.79 -6.34 14.34
N ASP A 125 -14.31 -7.54 14.55
CA ASP A 125 -13.97 -8.30 15.75
C ASP A 125 -12.44 -8.44 15.76
N HIS A 126 -11.88 -8.77 16.92
CA HIS A 126 -10.43 -8.93 17.06
C HIS A 126 -9.90 -10.09 16.24
N GLU A 127 -10.77 -11.07 16.02
CA GLU A 127 -10.42 -12.23 15.23
C GLU A 127 -10.02 -11.82 13.81
N ARG A 128 -10.88 -11.04 13.14
CA ARG A 128 -10.62 -10.58 11.78
C ARG A 128 -9.53 -9.51 11.69
N MET A 129 -9.60 -8.52 12.57
CA MET A 129 -8.61 -7.47 12.56
C MET A 129 -7.20 -8.04 12.70
N SER A 130 -6.99 -8.91 13.68
CA SER A 130 -5.66 -9.50 13.87
C SER A 130 -5.25 -10.33 12.65
N TYR A 131 -6.22 -11.00 12.04
CA TYR A 131 -5.92 -11.82 10.87
C TYR A 131 -5.46 -10.97 9.68
N LEU A 132 -6.20 -9.90 9.39
CA LEU A 132 -5.83 -9.01 8.30
C LEU A 132 -4.42 -8.48 8.57
N LEU A 133 -4.21 -7.98 9.79
CA LEU A 133 -2.90 -7.43 10.19
C LEU A 133 -1.79 -8.49 10.06
N TYR A 134 -2.15 -9.73 10.38
CA TYR A 134 -1.18 -10.82 10.29
C TYR A 134 -0.77 -11.04 8.84
N GLN A 135 -1.73 -10.88 7.92
CA GLN A 135 -1.44 -11.06 6.49
C GLN A 135 -0.63 -9.90 5.93
N MET A 136 -0.77 -8.71 6.50
CA MET A 136 0.03 -7.62 6.00
C MET A 136 1.47 -7.92 6.40
N LEU A 137 1.68 -8.32 7.66
CA LEU A 137 3.03 -8.61 8.11
C LEU A 137 3.72 -9.74 7.33
N CYS A 138 2.95 -10.73 6.92
CA CYS A 138 3.53 -11.82 6.15
C CYS A 138 4.02 -11.25 4.83
N GLY A 139 3.09 -10.64 4.11
CA GLY A 139 3.40 -10.04 2.82
C GLY A 139 4.57 -9.11 2.93
N ILE A 140 4.55 -8.23 3.92
CA ILE A 140 5.65 -7.31 4.10
C ILE A 140 6.91 -8.11 4.42
N LYS A 141 6.77 -9.15 5.23
CA LYS A 141 7.92 -9.98 5.55
C LYS A 141 8.52 -10.58 4.27
N HIS A 142 7.67 -11.07 3.38
CA HIS A 142 8.12 -11.66 2.12
C HIS A 142 8.83 -10.60 1.27
N LEU A 143 8.20 -9.44 1.14
CA LEU A 143 8.76 -8.36 0.35
C LEU A 143 10.13 -7.98 0.93
N HIS A 144 10.26 -8.03 2.25
CA HIS A 144 11.54 -7.70 2.87
C HIS A 144 12.57 -8.79 2.60
N SER A 145 12.12 -10.04 2.56
CA SER A 145 13.03 -11.16 2.31
C SER A 145 13.40 -11.22 0.84
N ALA A 146 12.89 -10.26 0.07
CA ALA A 146 13.20 -10.22 -1.35
C ALA A 146 14.00 -8.97 -1.62
N GLY A 147 14.25 -8.19 -0.57
CA GLY A 147 15.02 -6.96 -0.74
C GLY A 147 14.17 -5.75 -1.08
N ILE A 148 12.85 -5.93 -0.98
CA ILE A 148 11.90 -4.87 -1.30
C ILE A 148 11.30 -4.28 -0.03
N ILE A 149 11.52 -2.98 0.17
CA ILE A 149 10.99 -2.25 1.33
C ILE A 149 9.96 -1.30 0.77
N HIS A 150 8.70 -1.73 0.79
CA HIS A 150 7.60 -0.94 0.23
C HIS A 150 7.67 0.55 0.51
N ARG A 151 7.49 0.91 1.79
CA ARG A 151 7.54 2.31 2.22
C ARG A 151 6.32 3.12 1.85
N ASP A 152 5.38 2.51 1.17
CA ASP A 152 4.21 3.26 0.81
C ASP A 152 2.90 2.50 0.96
N LEU A 153 2.84 1.63 1.96
CA LEU A 153 1.63 0.86 2.20
C LEU A 153 0.48 1.78 2.63
N LYS A 154 -0.68 1.59 2.02
CA LYS A 154 -1.84 2.39 2.38
C LYS A 154 -3.13 1.61 2.12
N PRO A 155 -4.19 1.98 2.82
CA PRO A 155 -5.48 1.31 2.67
C PRO A 155 -5.88 1.09 1.21
N SER A 156 -5.64 2.07 0.35
CA SER A 156 -6.05 1.93 -1.03
C SER A 156 -5.20 0.97 -1.88
N ASN A 157 -4.03 0.57 -1.39
CA ASN A 157 -3.14 -0.35 -2.10
C ASN A 157 -3.23 -1.76 -1.51
N ILE A 158 -4.17 -1.98 -0.60
CA ILE A 158 -4.34 -3.29 0.02
C ILE A 158 -5.78 -3.71 -0.20
N VAL A 159 -5.97 -4.93 -0.67
CA VAL A 159 -7.31 -5.42 -0.94
C VAL A 159 -7.58 -6.74 -0.24
N VAL A 160 -8.85 -7.00 -0.02
CA VAL A 160 -9.25 -8.19 0.68
C VAL A 160 -10.48 -8.85 0.04
N LYS A 161 -10.74 -10.10 0.40
CA LYS A 161 -11.91 -10.82 -0.09
C LYS A 161 -12.87 -11.04 1.07
N SER A 162 -14.05 -11.57 0.77
CA SER A 162 -15.04 -11.81 1.79
C SER A 162 -14.54 -12.75 2.89
N ASP A 163 -13.84 -13.80 2.49
CA ASP A 163 -13.31 -14.77 3.45
C ASP A 163 -12.17 -14.17 4.25
N CYS A 164 -12.10 -12.84 4.23
CA CYS A 164 -11.10 -12.08 4.95
C CYS A 164 -9.65 -12.26 4.50
N THR A 165 -9.45 -12.80 3.31
CA THR A 165 -8.08 -12.97 2.84
C THR A 165 -7.58 -11.60 2.39
N LEU A 166 -6.27 -11.39 2.51
CA LEU A 166 -5.66 -10.13 2.19
C LEU A 166 -4.41 -10.18 1.29
N LYS A 167 -4.29 -9.23 0.38
CA LYS A 167 -3.13 -9.15 -0.49
C LYS A 167 -2.73 -7.70 -0.73
N ILE A 168 -1.44 -7.50 -0.93
CA ILE A 168 -0.89 -6.17 -1.17
C ILE A 168 -0.86 -5.96 -2.67
N LEU A 169 -1.14 -4.75 -3.12
CA LEU A 169 -1.23 -4.50 -4.56
C LEU A 169 0.04 -4.14 -5.31
N ASP A 170 0.81 -3.22 -4.77
CA ASP A 170 1.99 -2.76 -5.47
C ASP A 170 3.26 -2.99 -4.67
N PHE A 171 4.40 -2.59 -5.22
CA PHE A 171 5.66 -2.83 -4.53
C PHE A 171 6.30 -1.57 -3.94
N GLY A 172 5.52 -0.51 -3.81
CA GLY A 172 6.00 0.74 -3.25
C GLY A 172 6.95 1.54 -4.14
N LEU A 173 7.66 2.49 -3.54
CA LEU A 173 8.60 3.34 -4.26
C LEU A 173 9.85 2.56 -4.63
N ALA A 174 10.76 3.22 -5.34
CA ALA A 174 12.02 2.62 -5.79
C ALA A 174 13.10 2.75 -4.71
N SER A 180 9.88 12.71 -10.89
CA SER A 180 9.17 12.96 -9.61
C SER A 180 8.00 13.90 -9.85
N PHE A 181 8.16 14.80 -10.81
CA PHE A 181 7.12 15.77 -11.16
C PHE A 181 6.11 15.17 -12.15
N MET A 182 4.85 15.61 -12.05
CA MET A 182 3.79 15.16 -12.95
C MET A 182 2.70 16.19 -13.11
N MET A 183 2.14 16.26 -14.32
CA MET A 183 1.06 17.19 -14.63
C MET A 183 -0.29 16.55 -14.30
N THR A 184 -0.25 15.45 -13.58
CA THR A 184 -1.47 14.74 -13.21
C THR A 184 -2.40 15.58 -12.35
N PRO A 185 -3.71 15.43 -12.57
CA PRO A 185 -4.78 16.13 -11.85
C PRO A 185 -4.89 15.74 -10.37
N TYR A 186 -4.71 14.46 -10.08
CA TYR A 186 -4.82 13.98 -8.70
C TYR A 186 -3.49 13.75 -8.01
N VAL A 187 -3.47 14.06 -6.72
CA VAL A 187 -2.30 13.93 -5.86
C VAL A 187 -2.20 12.56 -5.20
N VAL A 188 -1.13 12.34 -4.45
CA VAL A 188 -0.92 11.07 -3.78
C VAL A 188 -1.02 11.27 -2.27
N THR A 189 -1.71 10.35 -1.61
CA THR A 189 -1.88 10.42 -0.16
C THR A 189 -0.59 10.01 0.54
N ARG A 190 -0.24 10.72 1.61
CA ARG A 190 0.97 10.41 2.34
C ARG A 190 0.76 10.32 3.85
N TYR A 191 -0.49 10.13 4.26
CA TYR A 191 -0.80 10.04 5.67
C TYR A 191 -0.11 8.85 6.37
N TYR A 192 0.29 7.84 5.61
CA TYR A 192 0.90 6.65 6.17
C TYR A 192 2.41 6.55 5.99
N ARG A 193 3.04 7.65 5.61
CA ARG A 193 4.47 7.66 5.41
C ARG A 193 5.16 7.72 6.77
N ALA A 194 6.18 6.88 6.96
CA ALA A 194 6.92 6.85 8.21
C ALA A 194 7.70 8.15 8.41
N PRO A 195 8.00 8.51 9.67
CA PRO A 195 8.74 9.72 9.99
C PRO A 195 10.05 9.88 9.25
N GLU A 196 10.86 8.83 9.25
CA GLU A 196 12.14 8.88 8.57
C GLU A 196 11.91 9.17 7.08
N VAL A 197 10.78 8.74 6.54
CA VAL A 197 10.55 9.02 5.13
C VAL A 197 10.16 10.49 4.95
N ILE A 198 9.36 11.00 5.87
CA ILE A 198 8.92 12.39 5.81
C ILE A 198 10.08 13.36 6.03
N LEU A 199 11.08 12.92 6.79
CA LEU A 199 12.24 13.75 7.11
C LEU A 199 13.50 13.32 6.37
N GLY A 200 13.34 12.41 5.41
CA GLY A 200 14.47 11.92 4.63
C GLY A 200 15.70 11.65 5.46
N MET A 201 15.57 10.82 6.48
CA MET A 201 16.71 10.54 7.35
C MET A 201 17.15 9.08 7.30
N GLY A 202 17.06 8.46 6.13
CA GLY A 202 17.46 7.08 6.02
C GLY A 202 16.40 6.21 6.69
N TYR A 203 16.21 5.00 6.17
CA TYR A 203 15.21 4.08 6.71
C TYR A 203 15.74 2.66 6.71
N LYS A 204 14.89 1.73 7.11
CA LYS A 204 15.25 0.31 7.15
C LYS A 204 13.96 -0.53 7.04
N GLU A 205 14.08 -1.83 7.25
CA GLU A 205 12.95 -2.75 7.15
C GLU A 205 11.74 -2.27 7.96
N ASN A 206 11.96 -1.89 9.21
CA ASN A 206 10.88 -1.46 10.08
C ASN A 206 10.20 -0.14 9.68
N VAL A 207 10.54 0.38 8.51
CA VAL A 207 9.91 1.61 8.08
C VAL A 207 8.45 1.35 7.73
N ASP A 208 8.15 0.10 7.35
CA ASP A 208 6.79 -0.31 6.96
C ASP A 208 5.89 -0.52 8.16
N ILE A 209 6.53 -0.85 9.27
CA ILE A 209 5.81 -1.07 10.51
C ILE A 209 5.03 0.19 10.87
N TRP A 210 5.58 1.35 10.52
CA TRP A 210 4.89 2.60 10.83
C TRP A 210 3.61 2.72 10.03
N SER A 211 3.63 2.26 8.79
CA SER A 211 2.45 2.37 7.98
C SER A 211 1.38 1.45 8.56
N VAL A 212 1.76 0.21 8.84
CA VAL A 212 0.83 -0.75 9.41
C VAL A 212 0.18 -0.22 10.67
N GLY A 213 0.96 0.52 11.44
CA GLY A 213 0.45 1.08 12.66
C GLY A 213 -0.54 2.19 12.36
N CYS A 214 -0.33 2.92 11.29
CA CYS A 214 -1.26 3.98 10.96
C CYS A 214 -2.57 3.35 10.50
N ILE A 215 -2.48 2.25 9.76
CA ILE A 215 -3.67 1.57 9.28
C ILE A 215 -4.43 0.90 10.44
N MET A 216 -3.72 0.20 11.30
CA MET A 216 -4.38 -0.45 12.42
C MET A 216 -5.11 0.57 13.26
N GLY A 217 -4.47 1.72 13.47
CA GLY A 217 -5.08 2.77 14.25
C GLY A 217 -6.34 3.30 13.60
N GLU A 218 -6.29 3.46 12.28
CA GLU A 218 -7.44 3.96 11.54
C GLU A 218 -8.57 2.94 11.61
N MET A 219 -8.23 1.65 11.64
CA MET A 219 -9.26 0.61 11.72
C MET A 219 -9.99 0.75 13.06
N VAL A 220 -9.25 1.15 14.08
CA VAL A 220 -9.80 1.33 15.42
C VAL A 220 -10.53 2.65 15.53
N ARG A 221 -9.78 3.73 15.36
CA ARG A 221 -10.33 5.08 15.46
C ARG A 221 -11.30 5.37 14.30
N HIS A 222 -11.26 4.54 13.26
CA HIS A 222 -12.13 4.71 12.10
C HIS A 222 -11.91 6.04 11.40
N LYS A 223 -10.75 6.64 11.66
CA LYS A 223 -10.40 7.91 11.04
C LYS A 223 -8.89 8.07 10.89
N ILE A 224 -8.48 8.70 9.79
CA ILE A 224 -7.08 8.93 9.50
C ILE A 224 -6.33 9.55 10.69
N LEU A 225 -5.32 8.85 11.18
CA LEU A 225 -4.54 9.28 12.32
C LEU A 225 -3.80 10.60 12.11
N PHE A 226 -3.05 10.71 11.02
CA PHE A 226 -2.26 11.90 10.76
C PHE A 226 -2.56 12.62 9.46
N PRO A 227 -3.70 13.32 9.40
CA PRO A 227 -4.10 14.06 8.20
C PRO A 227 -3.21 15.29 7.97
N GLY A 228 -3.48 16.07 6.93
CA GLY A 228 -2.65 17.23 6.71
C GLY A 228 -2.51 17.54 5.23
N ARG A 229 -2.38 18.83 4.92
CA ARG A 229 -2.25 19.27 3.53
C ARG A 229 -0.88 18.95 2.97
N ASP A 230 0.15 19.18 3.78
CA ASP A 230 1.53 18.93 3.38
C ASP A 230 2.24 18.23 4.52
N TYR A 231 3.52 17.92 4.33
CA TYR A 231 4.27 17.24 5.37
C TYR A 231 4.41 18.08 6.63
N ILE A 232 4.21 19.39 6.49
CA ILE A 232 4.31 20.31 7.64
C ILE A 232 3.15 19.97 8.58
N ASP A 233 1.93 19.98 8.03
CA ASP A 233 0.75 19.66 8.83
C ASP A 233 0.87 18.25 9.42
N GLN A 234 1.28 17.30 8.58
CA GLN A 234 1.43 15.92 8.98
C GLN A 234 2.36 15.70 10.15
N TRP A 235 3.51 16.37 10.13
CA TRP A 235 4.43 16.21 11.23
C TRP A 235 3.84 16.69 12.56
N ASN A 236 3.11 17.80 12.51
CA ASN A 236 2.49 18.34 13.72
C ASN A 236 1.48 17.34 14.26
N LYS A 237 0.62 16.83 13.37
CA LYS A 237 -0.36 15.86 13.79
C LYS A 237 0.30 14.64 14.41
N VAL A 238 1.56 14.39 14.06
CA VAL A 238 2.28 13.25 14.60
C VAL A 238 2.79 13.50 16.02
N ILE A 239 3.34 14.69 16.24
CA ILE A 239 3.86 15.06 17.54
C ILE A 239 2.74 15.52 18.47
N GLU A 240 1.68 16.06 17.90
CA GLU A 240 0.53 16.54 18.68
C GLU A 240 -0.16 15.40 19.43
N GLN A 241 0.09 14.17 18.99
CA GLN A 241 -0.52 13.01 19.61
C GLN A 241 0.48 12.12 20.30
N LEU A 242 1.60 11.86 19.62
CA LEU A 242 2.62 10.99 20.18
C LEU A 242 3.69 11.78 20.93
N GLY A 243 3.78 13.08 20.63
CA GLY A 243 4.76 13.92 21.30
C GLY A 243 6.12 13.99 20.64
N THR A 244 6.84 15.08 20.90
CA THR A 244 8.17 15.29 20.36
C THR A 244 9.07 14.08 20.67
N PRO A 245 9.81 13.59 19.66
CA PRO A 245 10.71 12.45 19.79
C PRO A 245 11.87 12.69 20.76
N CYS A 246 12.62 11.65 21.06
CA CYS A 246 13.75 11.77 21.98
C CYS A 246 14.97 12.40 21.31
N PRO A 247 15.95 12.86 22.11
CA PRO A 247 17.17 13.49 21.61
C PRO A 247 17.95 12.61 20.65
N GLU A 248 18.16 11.35 21.04
CA GLU A 248 18.90 10.42 20.21
C GLU A 248 18.36 10.44 18.77
N PHE A 249 17.06 10.72 18.63
CA PHE A 249 16.42 10.77 17.31
C PHE A 249 16.81 12.05 16.57
N MET A 250 16.88 13.16 17.32
CA MET A 250 17.23 14.45 16.76
C MET A 250 18.64 14.48 16.19
N LYS A 251 19.59 13.87 16.91
CA LYS A 251 20.99 13.86 16.47
C LYS A 251 21.24 12.92 15.29
N LYS A 252 20.16 12.53 14.60
CA LYS A 252 20.26 11.65 13.46
C LYS A 252 19.59 12.32 12.24
N LEU A 253 19.31 13.61 12.40
CA LEU A 253 18.68 14.40 11.35
C LEU A 253 19.61 15.49 10.82
N GLN A 254 19.63 15.67 9.51
CA GLN A 254 20.45 16.70 8.91
C GLN A 254 20.06 18.01 9.58
N PRO A 255 21.03 18.88 9.86
CA PRO A 255 20.77 20.17 10.50
C PRO A 255 19.72 21.01 9.77
N THR A 256 19.76 20.99 8.44
CA THR A 256 18.80 21.75 7.65
C THR A 256 17.38 21.36 8.04
N VAL A 257 17.23 20.15 8.59
CA VAL A 257 15.93 19.64 9.01
C VAL A 257 15.84 19.53 10.53
N ARG A 258 16.97 19.24 11.17
CA ARG A 258 16.97 19.12 12.62
C ARG A 258 16.59 20.49 13.19
N ASN A 259 16.90 21.53 12.43
CA ASN A 259 16.59 22.90 12.86
C ASN A 259 15.07 23.10 12.90
N TYR A 260 14.43 22.84 11.77
CA TYR A 260 12.98 22.99 11.66
C TYR A 260 12.22 22.20 12.72
N VAL A 261 12.61 20.94 12.92
CA VAL A 261 11.97 20.06 13.89
C VAL A 261 12.18 20.51 15.34
N GLU A 262 13.44 20.68 15.73
CA GLU A 262 13.80 21.10 17.09
C GLU A 262 13.29 22.50 17.44
N ASN A 263 13.03 23.32 16.41
CA ASN A 263 12.51 24.66 16.64
C ASN A 263 10.99 24.65 16.55
N ARG A 264 10.39 23.50 16.82
CA ARG A 264 8.93 23.37 16.77
C ARG A 264 8.47 23.19 18.21
N PRO A 265 7.26 23.70 18.54
CA PRO A 265 6.72 23.58 19.89
C PRO A 265 6.68 22.14 20.39
N LYS A 266 7.38 21.87 21.49
CA LYS A 266 7.42 20.54 22.07
C LYS A 266 6.05 20.08 22.50
N TYR A 267 5.92 18.82 22.93
CA TYR A 267 4.61 18.31 23.33
C TYR A 267 4.56 17.23 24.41
N ALA A 268 5.30 16.15 24.22
CA ALA A 268 5.29 15.02 25.15
C ALA A 268 3.84 14.55 25.20
N GLY A 269 3.22 14.53 24.02
CA GLY A 269 1.83 14.15 23.87
C GLY A 269 1.22 13.03 24.71
N LEU A 270 -0.09 12.88 24.54
CA LEU A 270 -0.90 11.89 25.24
C LEU A 270 -0.41 10.45 25.12
N THR A 271 -0.81 9.63 26.08
CA THR A 271 -0.43 8.23 26.07
C THR A 271 -1.35 7.49 25.12
N PHE A 272 -1.17 6.18 25.05
CA PHE A 272 -1.99 5.38 24.17
C PHE A 272 -3.41 5.12 24.65
N PRO A 273 -3.59 4.84 25.95
CA PRO A 273 -4.97 4.60 26.40
C PRO A 273 -5.85 5.81 26.06
N LYS A 274 -5.24 7.00 26.03
CA LYS A 274 -5.95 8.21 25.68
C LYS A 274 -6.22 8.21 24.18
N LEU A 275 -5.16 8.05 23.38
CA LEU A 275 -5.26 8.02 21.92
C LEU A 275 -6.26 6.99 21.42
N PHE A 276 -6.25 5.82 22.05
CA PHE A 276 -7.14 4.70 21.70
C PHE A 276 -7.89 4.16 22.92
N PRO A 277 -8.86 4.94 23.43
CA PRO A 277 -9.66 4.56 24.60
C PRO A 277 -10.32 3.19 24.46
N ASP A 278 -10.79 2.65 25.58
CA ASP A 278 -11.44 1.34 25.58
C ASP A 278 -12.77 1.38 24.84
N SER A 279 -13.26 2.61 24.62
CA SER A 279 -14.53 2.80 23.92
C SER A 279 -14.45 2.30 22.49
N LEU A 280 -13.28 2.40 21.88
CA LEU A 280 -13.06 1.98 20.51
C LEU A 280 -12.96 0.46 20.39
N PHE A 281 -12.41 -0.16 21.43
CA PHE A 281 -12.21 -1.60 21.48
C PHE A 281 -13.37 -2.31 22.18
N PRO A 282 -13.79 -3.47 21.66
CA PRO A 282 -14.88 -4.23 22.26
C PRO A 282 -14.42 -4.87 23.58
N ALA A 283 -15.00 -4.40 24.67
CA ALA A 283 -14.68 -4.92 26.00
C ALA A 283 -15.96 -5.39 26.70
N ASP A 284 -16.66 -6.33 26.07
CA ASP A 284 -17.89 -6.88 26.62
C ASP A 284 -17.56 -8.23 27.27
N SER A 285 -16.80 -9.06 26.57
CA SER A 285 -16.42 -10.36 27.10
C SER A 285 -15.02 -10.28 27.70
N GLU A 286 -14.66 -11.30 28.46
CA GLU A 286 -13.36 -11.32 29.09
C GLU A 286 -12.30 -11.52 27.98
N HIS A 287 -12.67 -12.25 26.94
CA HIS A 287 -11.77 -12.51 25.83
C HIS A 287 -11.48 -11.22 25.07
N ASN A 288 -12.56 -10.51 24.72
CA ASN A 288 -12.38 -9.25 24.02
C ASN A 288 -11.65 -8.25 24.89
N LYS A 289 -11.84 -8.33 26.20
CA LYS A 289 -11.16 -7.41 27.11
C LYS A 289 -9.64 -7.55 26.99
N LEU A 290 -9.17 -8.81 27.01
CA LEU A 290 -7.75 -9.12 26.91
C LEU A 290 -7.22 -8.79 25.53
N LYS A 291 -8.02 -9.09 24.52
CA LYS A 291 -7.59 -8.78 23.16
C LYS A 291 -7.45 -7.27 23.02
N ALA A 292 -8.33 -6.50 23.66
CA ALA A 292 -8.19 -5.04 23.54
C ALA A 292 -6.80 -4.61 23.99
N SER A 293 -6.42 -4.99 25.22
CA SER A 293 -5.10 -4.63 25.75
C SER A 293 -3.95 -5.06 24.85
N GLN A 294 -4.00 -6.29 24.35
CA GLN A 294 -2.93 -6.78 23.48
C GLN A 294 -2.90 -5.91 22.23
N ALA A 295 -4.09 -5.57 21.72
CA ALA A 295 -4.19 -4.76 20.52
C ALA A 295 -3.58 -3.39 20.74
N ARG A 296 -3.98 -2.74 21.83
CA ARG A 296 -3.46 -1.43 22.13
C ARG A 296 -1.97 -1.52 22.40
N ASP A 297 -1.53 -2.66 22.93
CA ASP A 297 -0.12 -2.85 23.21
C ASP A 297 0.70 -2.82 21.92
N LEU A 298 0.25 -3.55 20.90
CA LEU A 298 0.93 -3.60 19.61
C LEU A 298 0.92 -2.22 18.94
N LEU A 299 -0.20 -1.53 19.05
CA LEU A 299 -0.32 -0.20 18.47
C LEU A 299 0.79 0.71 19.01
N SER A 300 1.03 0.62 20.31
CA SER A 300 2.05 1.42 21.00
C SER A 300 3.48 1.02 20.64
N LYS A 301 3.64 -0.15 20.04
CA LYS A 301 4.98 -0.58 19.65
C LYS A 301 5.22 -0.31 18.16
N MET A 302 4.16 0.04 17.44
CA MET A 302 4.30 0.32 16.02
C MET A 302 4.23 1.82 15.76
N LEU A 303 3.42 2.51 16.54
CA LEU A 303 3.30 3.95 16.36
C LEU A 303 4.36 4.65 17.16
N VAL A 304 5.61 4.39 16.81
CA VAL A 304 6.75 5.00 17.48
C VAL A 304 7.57 5.74 16.44
N ILE A 305 7.76 7.03 16.66
CA ILE A 305 8.50 7.86 15.75
C ILE A 305 9.91 7.36 15.47
N ASP A 306 10.68 7.09 16.51
CA ASP A 306 12.04 6.63 16.32
C ASP A 306 12.16 5.17 15.91
N PRO A 307 12.65 4.90 14.69
CA PRO A 307 12.84 3.56 14.12
C PRO A 307 13.67 2.65 15.02
N ALA A 308 14.65 3.23 15.69
CA ALA A 308 15.51 2.46 16.58
C ALA A 308 14.72 1.89 17.74
N LYS A 309 13.57 2.49 18.04
CA LYS A 309 12.74 2.02 19.14
C LYS A 309 11.39 1.49 18.66
N ARG A 310 11.20 1.45 17.35
CA ARG A 310 9.96 0.95 16.79
C ARG A 310 10.10 -0.57 16.61
N ILE A 311 9.07 -1.33 16.99
CA ILE A 311 9.11 -2.78 16.87
C ILE A 311 9.36 -3.20 15.43
N SER A 312 9.91 -4.39 15.22
CA SER A 312 10.20 -4.88 13.87
C SER A 312 9.11 -5.81 13.36
N VAL A 313 9.17 -6.17 12.07
CA VAL A 313 8.19 -7.08 11.47
C VAL A 313 8.17 -8.44 12.18
N ASP A 314 9.35 -9.02 12.41
CA ASP A 314 9.45 -10.33 13.06
C ASP A 314 8.99 -10.34 14.52
N ASP A 315 9.22 -9.24 15.23
CA ASP A 315 8.76 -9.16 16.61
C ASP A 315 7.26 -8.94 16.64
N ALA A 316 6.77 -8.15 15.68
CA ALA A 316 5.34 -7.87 15.55
C ALA A 316 4.62 -9.16 15.19
N LEU A 317 5.30 -10.05 14.48
CA LEU A 317 4.67 -11.31 14.13
C LEU A 317 4.68 -12.25 15.35
N GLN A 318 5.56 -11.95 16.31
CA GLN A 318 5.68 -12.75 17.54
C GLN A 318 4.79 -12.18 18.63
N HIS A 319 4.24 -11.00 18.37
CA HIS A 319 3.36 -10.37 19.33
C HIS A 319 2.20 -11.33 19.52
N PRO A 320 1.76 -11.53 20.76
CA PRO A 320 0.63 -12.43 21.05
C PRO A 320 -0.63 -12.05 20.29
N TYR A 321 -0.87 -10.76 20.10
CA TYR A 321 -2.06 -10.34 19.37
C TYR A 321 -2.09 -10.90 17.96
N ILE A 322 -0.91 -11.11 17.39
CA ILE A 322 -0.74 -11.63 16.03
C ILE A 322 -0.32 -13.12 15.91
N ASN A 323 0.52 -13.59 16.83
CA ASN A 323 1.01 -14.97 16.81
C ASN A 323 -0.06 -16.06 16.79
N VAL A 324 -1.30 -15.73 17.14
CA VAL A 324 -2.35 -16.73 17.15
C VAL A 324 -2.68 -17.18 15.73
N TRP A 325 -1.90 -16.73 14.76
CA TRP A 325 -2.15 -17.14 13.38
C TRP A 325 -0.91 -17.75 12.77
N TYR A 326 0.20 -17.70 13.51
CA TYR A 326 1.48 -18.21 13.02
C TYR A 326 1.40 -19.59 12.37
N ARG A 346 17.61 2.97 -13.55
CA ARG A 346 18.36 4.07 -14.21
C ARG A 346 17.38 5.10 -14.74
N GLU A 347 17.86 5.91 -15.68
CA GLU A 347 17.06 6.96 -16.31
C GLU A 347 17.11 6.85 -17.84
N HIS A 348 16.01 6.42 -18.44
CA HIS A 348 15.95 6.24 -19.88
C HIS A 348 15.00 7.22 -20.55
N THR A 349 15.09 7.30 -21.87
CA THR A 349 14.25 8.19 -22.66
C THR A 349 12.91 7.52 -22.94
N ILE A 350 11.90 8.32 -23.25
CA ILE A 350 10.59 7.75 -23.53
C ILE A 350 10.61 6.78 -24.71
N GLU A 351 11.77 6.63 -25.35
CA GLU A 351 11.88 5.69 -26.47
C GLU A 351 12.55 4.41 -25.98
N GLU A 352 13.46 4.54 -25.02
CA GLU A 352 14.15 3.39 -24.47
C GLU A 352 13.23 2.66 -23.51
N TRP A 353 12.43 3.43 -22.78
CA TRP A 353 11.48 2.88 -21.83
C TRP A 353 10.45 2.06 -22.60
N LYS A 354 9.88 2.65 -23.64
CA LYS A 354 8.90 1.94 -24.46
C LYS A 354 9.52 0.60 -24.84
N GLU A 355 10.79 0.62 -25.22
CA GLU A 355 11.52 -0.58 -25.62
C GLU A 355 11.53 -1.57 -24.47
N LEU A 356 12.13 -1.15 -23.35
CA LEU A 356 12.23 -1.98 -22.17
C LEU A 356 10.89 -2.59 -21.76
N ILE A 357 9.88 -1.73 -21.66
CA ILE A 357 8.56 -2.20 -21.26
C ILE A 357 7.97 -3.16 -22.28
N TYR A 358 8.08 -2.84 -23.56
CA TYR A 358 7.54 -3.70 -24.60
C TYR A 358 8.16 -5.10 -24.55
N LYS A 359 9.47 -5.16 -24.32
CA LYS A 359 10.16 -6.45 -24.25
C LYS A 359 9.64 -7.28 -23.09
N GLU A 360 9.54 -6.66 -21.93
CA GLU A 360 9.06 -7.36 -20.77
C GLU A 360 7.65 -7.91 -21.04
N VAL A 361 6.79 -7.10 -21.64
CA VAL A 361 5.46 -7.55 -21.95
C VAL A 361 5.55 -8.80 -22.83
N MET A 362 6.26 -8.69 -23.96
CA MET A 362 6.43 -9.83 -24.89
C MET A 362 7.45 -10.80 -24.30
N ASN A 363 7.10 -11.37 -23.16
CA ASN A 363 7.96 -12.30 -22.45
C ASN A 363 8.90 -13.08 -23.36
C01 J07 B . -16.63 -0.29 -4.78
C02 J07 B . -15.67 -0.15 -3.63
N03 J07 B . -14.87 -1.37 -3.48
C04 J07 B . -13.49 -1.30 -3.51
O05 J07 B . -12.85 -0.76 -2.62
N06 J07 B . -12.88 -1.88 -4.67
C07 J07 B . -11.41 -1.82 -4.77
C08 J07 B . -10.79 -3.19 -5.04
C09 J07 B . -11.42 -3.82 -6.31
C10 J07 B . -12.97 -3.93 -6.11
C11 J07 B . -13.58 -2.56 -5.83
N12 J07 B . -10.82 -5.15 -6.57
C13 J07 B . -9.56 -5.35 -7.14
N14 J07 B . -8.80 -4.26 -7.40
C15 J07 B . -7.55 -4.42 -7.98
C16 J07 B . -7.02 -5.72 -8.31
C17 J07 B . -7.88 -6.76 -8.00
N18 J07 B . -9.13 -6.61 -7.43
CL1 J07 B . -5.49 -6.10 -9.03
C20 J07 B . -6.87 -3.11 -8.16
C21 J07 B . -7.40 -1.81 -8.01
C22 J07 B . -8.69 -1.26 -7.65
C23 J07 B . -8.86 0.14 -7.59
C24 J07 B . -7.78 1.02 -7.87
C25 J07 B . -6.51 0.52 -8.23
C26 J07 B . -6.35 -0.89 -8.29
N27 J07 B . -5.24 -1.63 -8.61
C28 J07 B . -5.53 -2.95 -8.53
#